data_2ZNP
#
_entry.id   2ZNP
#
_cell.length_a   39.492
_cell.length_b   93.149
_cell.length_c   96.370
_cell.angle_alpha   90.00
_cell.angle_beta   97.48
_cell.angle_gamma   90.00
#
_symmetry.space_group_name_H-M   'P 1 21 1'
#
loop_
_entity.id
_entity.type
_entity.pdbx_description
1 polymer 'Peroxisome proliferator-activated receptor delta'
2 non-polymer 'heptyl beta-D-glucopyranoside'
3 non-polymer '(2S)-2-{4-butoxy-3-[({[2-fluoro-4-(trifluoromethyl)phenyl]carbonyl}amino)methyl]benzyl}butanoic acid'
4 water water
#
_entity_poly.entity_id   1
_entity_poly.type   'polypeptide(L)'
_entity_poly.pdbx_seq_one_letter_code
;GSHMPQVADLKAFSKHIYNAYLKNFNMTKKKARSILTGKASHTAPFVIHDIETLWQAEKGLVWKQLVNGLPPYKEISVHV
FYRCQCTTVETVRELTEFAKSIPSFSSLFLNDQVTLLKYGVHEAIFAMLASIVNKDGLLVANGSGFVTREFLRSLRKPFS
DIIEPKFEFAVKFNALELDDSDLALFIAAIILCGDRPGLMNVPRVEAIQDTILRALEFHLQANHPDAQYLFPKLLQKMAD
LRQLVTEHAQMMQRIKKTETETSLHPLLQEIYKDMY
;
_entity_poly.pdbx_strand_id   A,B
#
loop_
_chem_comp.id
_chem_comp.type
_chem_comp.name
_chem_comp.formula
B7G D-saccharide 'heptyl beta-D-glucopyranoside' 'C13 H26 O6'
K55 non-polymer '(2S)-2-{4-butoxy-3-[({[2-fluoro-4-(trifluoromethyl)phenyl]carbonyl}amino)methyl]benzyl}butanoic acid' 'C24 H27 F4 N O4'
#
# COMPACT_ATOMS: atom_id res chain seq x y z
N LEU A 10 2.36 10.94 26.59
CA LEU A 10 1.39 10.48 25.56
C LEU A 10 1.17 11.54 24.47
N LYS A 11 1.05 12.81 24.88
CA LYS A 11 0.85 13.94 23.96
C LYS A 11 1.79 13.83 22.75
N ALA A 12 2.88 13.06 22.91
CA ALA A 12 3.84 12.82 21.84
C ALA A 12 3.10 12.22 20.65
N PHE A 13 1.94 11.64 20.94
CA PHE A 13 1.07 11.02 19.96
C PHE A 13 0.25 12.13 19.29
N SER A 14 -0.39 12.94 20.13
CA SER A 14 -1.23 14.03 19.65
C SER A 14 -0.47 15.13 18.94
N LYS A 15 0.81 15.30 19.26
CA LYS A 15 1.60 16.33 18.59
C LYS A 15 2.02 15.75 17.24
N HIS A 16 2.34 14.47 17.28
CA HIS A 16 2.77 13.71 16.11
C HIS A 16 1.69 13.66 15.05
N ILE A 17 0.46 13.38 15.48
CA ILE A 17 -0.68 13.31 14.57
C ILE A 17 -1.09 14.70 14.05
N TYR A 18 -0.91 15.74 14.89
CA TYR A 18 -1.24 17.12 14.52
C TYR A 18 -0.26 17.67 13.50
N ASN A 19 0.99 17.27 13.62
CA ASN A 19 2.02 17.71 12.70
C ASN A 19 1.95 16.87 11.42
N ALA A 20 1.33 15.71 11.53
CA ALA A 20 1.15 14.81 10.38
C ALA A 20 -0.03 15.32 9.57
N TYR A 21 -1.00 15.88 10.27
CA TYR A 21 -2.21 16.44 9.67
C TYR A 21 -1.96 17.80 9.03
N LEU A 22 -1.19 18.65 9.71
CA LEU A 22 -0.85 19.99 9.24
C LEU A 22 0.01 19.98 7.99
N LYS A 23 1.02 19.12 8.02
CA LYS A 23 1.97 18.98 6.94
C LYS A 23 1.35 18.34 5.70
N ASN A 24 0.51 17.35 5.90
CA ASN A 24 -0.08 16.63 4.79
C ASN A 24 -1.26 17.22 4.02
N PHE A 25 -2.25 17.74 4.74
CA PHE A 25 -3.40 18.35 4.07
C PHE A 25 -3.14 19.84 3.83
N ASN A 26 -3.32 20.27 2.59
CA ASN A 26 -3.07 21.68 2.24
C ASN A 26 -4.08 22.65 2.84
N MET A 27 -5.36 22.29 2.80
CA MET A 27 -6.43 23.14 3.31
C MET A 27 -6.90 22.69 4.69
N THR A 28 -6.35 23.34 5.70
CA THR A 28 -6.71 23.06 7.09
C THR A 28 -7.96 23.90 7.40
N LYS A 29 -8.69 23.54 8.46
CA LYS A 29 -9.87 24.31 8.83
C LYS A 29 -9.40 25.73 9.09
N LYS A 30 -8.13 25.86 9.50
CA LYS A 30 -7.45 27.13 9.81
C LYS A 30 -7.63 28.14 8.68
N LYS A 31 -6.83 27.95 7.64
CA LYS A 31 -6.86 28.80 6.47
C LYS A 31 -8.31 28.97 5.98
N ALA A 32 -8.99 27.85 5.81
CA ALA A 32 -10.37 27.84 5.34
C ALA A 32 -11.33 28.70 6.17
N ARG A 33 -11.45 28.36 7.45
CA ARG A 33 -12.35 29.07 8.35
C ARG A 33 -12.09 30.57 8.33
N SER A 34 -10.82 30.96 8.18
CA SER A 34 -10.47 32.38 8.15
C SER A 34 -11.01 33.05 6.89
N ILE A 35 -10.87 32.34 5.77
CA ILE A 35 -11.28 32.79 4.44
C ILE A 35 -12.80 32.83 4.21
N LEU A 36 -13.55 32.47 5.24
CA LEU A 36 -15.01 32.52 5.17
C LEU A 36 -15.52 33.55 6.16
N THR A 37 -14.70 33.88 7.15
CA THR A 37 -15.06 34.88 8.16
C THR A 37 -14.71 36.28 7.65
N GLY A 38 -14.89 36.48 6.34
CA GLY A 38 -14.60 37.75 5.70
C GLY A 38 -13.33 38.49 6.16
N LYS A 39 -12.33 37.74 6.63
CA LYS A 39 -11.08 38.30 7.13
C LYS A 39 -10.25 39.08 6.11
N ALA A 40 -9.05 39.51 6.53
CA ALA A 40 -8.19 40.33 5.68
C ALA A 40 -6.83 39.77 5.20
N SER A 41 -6.28 38.78 5.89
CA SER A 41 -4.96 38.25 5.49
C SER A 41 -4.78 37.57 4.12
N HIS A 42 -5.87 37.36 3.37
CA HIS A 42 -5.76 36.71 2.04
C HIS A 42 -6.42 37.50 0.88
N THR A 43 -7.58 37.03 0.39
CA THR A 43 -8.31 37.68 -0.71
C THR A 43 -9.73 37.12 -0.87
N ALA A 44 -10.65 37.98 -1.33
CA ALA A 44 -12.06 37.61 -1.55
C ALA A 44 -12.24 36.37 -2.46
N PRO A 45 -13.22 35.50 -2.14
CA PRO A 45 -13.44 34.30 -2.97
C PRO A 45 -14.56 34.54 -4.01
N PHE A 46 -14.25 34.32 -5.29
CA PHE A 46 -15.24 34.48 -6.37
C PHE A 46 -16.35 33.43 -6.30
N VAL A 47 -17.57 33.90 -6.04
CA VAL A 47 -18.74 33.05 -5.93
C VAL A 47 -19.10 32.34 -7.25
N ILE A 48 -19.69 31.16 -7.15
CA ILE A 48 -20.09 30.39 -8.31
C ILE A 48 -21.54 29.95 -8.13
N HIS A 49 -22.45 30.49 -8.93
CA HIS A 49 -23.88 30.17 -8.79
C HIS A 49 -24.61 29.78 -10.06
N ASP A 50 -24.03 30.12 -11.21
CA ASP A 50 -24.65 29.78 -12.48
C ASP A 50 -23.63 29.05 -13.34
N ILE A 51 -23.82 29.05 -14.66
CA ILE A 51 -22.88 28.37 -15.57
C ILE A 51 -21.84 29.33 -16.08
N GLU A 52 -22.14 30.62 -15.98
CA GLU A 52 -21.25 31.69 -16.44
C GLU A 52 -20.11 31.94 -15.44
N THR A 53 -20.43 31.84 -14.16
CA THR A 53 -19.45 32.04 -13.12
C THR A 53 -18.48 30.84 -13.08
N LEU A 54 -19.04 29.64 -13.17
CA LEU A 54 -18.28 28.39 -13.17
C LEU A 54 -17.34 28.29 -14.38
N TRP A 55 -17.76 28.88 -15.49
CA TRP A 55 -16.95 28.85 -16.69
C TRP A 55 -15.83 29.89 -16.51
N GLN A 56 -16.17 31.00 -15.88
CA GLN A 56 -15.20 32.05 -15.62
C GLN A 56 -14.12 31.49 -14.71
N ALA A 57 -14.58 30.81 -13.65
CA ALA A 57 -13.68 30.17 -12.69
C ALA A 57 -12.73 29.28 -13.47
N GLU A 58 -13.31 28.44 -14.33
CA GLU A 58 -12.56 27.52 -15.18
C GLU A 58 -11.59 28.25 -16.09
N LYS A 59 -12.00 29.43 -16.56
CA LYS A 59 -11.16 30.22 -17.45
C LYS A 59 -9.88 30.66 -16.78
N GLY A 60 -9.99 31.61 -15.86
CA GLY A 60 -8.81 32.09 -15.17
C GLY A 60 -8.96 32.45 -13.71
N LEU A 61 -9.95 33.29 -13.41
CA LEU A 61 -10.22 33.79 -12.07
C LEU A 61 -10.09 32.81 -10.88
N VAL A 62 -10.16 31.51 -11.14
CA VAL A 62 -10.03 30.54 -10.04
C VAL A 62 -9.01 29.45 -10.35
N LEU A 70 -8.83 15.72 -17.38
CA LEU A 70 -10.28 15.95 -17.29
C LEU A 70 -11.04 15.58 -18.58
N PRO A 71 -11.95 14.59 -18.50
CA PRO A 71 -12.79 14.08 -19.60
C PRO A 71 -13.58 15.15 -20.34
N PRO A 72 -13.96 14.87 -21.63
CA PRO A 72 -14.73 15.73 -22.55
C PRO A 72 -15.95 16.37 -21.90
N TYR A 73 -15.99 17.70 -21.90
CA TYR A 73 -17.11 18.41 -21.30
C TYR A 73 -18.43 17.99 -21.91
N LYS A 74 -19.20 17.20 -21.19
CA LYS A 74 -20.49 16.76 -21.68
C LYS A 74 -21.57 17.76 -21.28
N GLU A 75 -21.90 17.79 -19.99
CA GLU A 75 -22.94 18.68 -19.51
C GLU A 75 -22.66 19.36 -18.17
N ILE A 76 -23.50 20.33 -17.84
CA ILE A 76 -23.39 21.10 -16.61
C ILE A 76 -23.22 20.23 -15.38
N SER A 77 -24.26 19.46 -15.08
CA SER A 77 -24.27 18.60 -13.92
C SER A 77 -23.13 17.57 -13.83
N VAL A 78 -22.69 17.06 -14.98
CA VAL A 78 -21.60 16.08 -15.08
C VAL A 78 -20.22 16.68 -14.82
N HIS A 79 -20.02 17.91 -15.30
CA HIS A 79 -18.75 18.59 -15.12
C HIS A 79 -18.44 18.74 -13.64
N VAL A 80 -19.49 18.96 -12.84
CA VAL A 80 -19.37 19.12 -11.40
C VAL A 80 -19.00 17.78 -10.77
N PHE A 81 -19.73 16.77 -11.21
CA PHE A 81 -19.56 15.38 -10.76
C PHE A 81 -18.09 14.95 -10.93
N TYR A 82 -17.50 15.38 -12.03
CA TYR A 82 -16.11 15.09 -12.35
C TYR A 82 -15.17 15.85 -11.45
N ARG A 83 -15.52 17.10 -11.15
CA ARG A 83 -14.70 17.94 -10.29
C ARG A 83 -14.70 17.36 -8.86
N CYS A 84 -15.81 16.70 -8.50
CA CYS A 84 -15.96 16.09 -7.20
C CYS A 84 -15.02 14.91 -7.09
N GLN A 85 -14.85 14.19 -8.20
CA GLN A 85 -13.98 13.01 -8.24
C GLN A 85 -12.52 13.36 -8.13
N CYS A 86 -12.07 14.28 -8.95
CA CYS A 86 -10.67 14.68 -8.92
C CYS A 86 -10.32 15.36 -7.60
N THR A 87 -11.35 15.70 -6.83
CA THR A 87 -11.14 16.32 -5.55
C THR A 87 -10.92 15.24 -4.50
N THR A 88 -11.62 14.13 -4.62
CA THR A 88 -11.44 13.06 -3.67
C THR A 88 -10.23 12.22 -4.06
N VAL A 89 -9.69 12.48 -5.24
CA VAL A 89 -8.52 11.74 -5.73
C VAL A 89 -7.25 12.31 -5.10
N GLU A 90 -7.24 13.62 -4.88
CA GLU A 90 -6.09 14.27 -4.25
C GLU A 90 -6.27 14.25 -2.73
N THR A 91 -7.48 13.97 -2.26
CA THR A 91 -7.75 13.88 -0.82
C THR A 91 -7.29 12.51 -0.39
N VAL A 92 -7.54 11.51 -1.24
CA VAL A 92 -7.12 10.15 -0.96
C VAL A 92 -5.60 10.10 -1.03
N ARG A 93 -5.01 11.03 -1.77
CA ARG A 93 -3.58 11.07 -1.92
C ARG A 93 -2.94 11.66 -0.67
N GLU A 94 -3.54 12.70 -0.10
CA GLU A 94 -3.02 13.33 1.11
C GLU A 94 -3.33 12.44 2.31
N LEU A 95 -4.46 11.76 2.25
CA LEU A 95 -4.94 10.86 3.29
C LEU A 95 -4.03 9.64 3.39
N THR A 96 -3.39 9.27 2.29
CA THR A 96 -2.48 8.13 2.27
C THR A 96 -1.18 8.57 2.92
N GLU A 97 -0.71 9.76 2.57
CA GLU A 97 0.52 10.30 3.14
C GLU A 97 0.31 10.51 4.62
N PHE A 98 -0.91 10.90 4.99
CA PHE A 98 -1.27 11.14 6.38
C PHE A 98 -1.21 9.85 7.17
N ALA A 99 -1.98 8.85 6.74
CA ALA A 99 -2.03 7.55 7.39
C ALA A 99 -0.63 6.98 7.61
N LYS A 100 0.20 7.01 6.56
CA LYS A 100 1.56 6.50 6.64
C LYS A 100 2.32 7.31 7.68
N SER A 101 2.03 8.61 7.74
CA SER A 101 2.69 9.52 8.68
C SER A 101 2.47 9.17 10.14
N ILE A 102 1.75 8.07 10.37
CA ILE A 102 1.52 7.57 11.71
C ILE A 102 2.37 6.28 11.75
N PRO A 103 3.60 6.36 12.30
CA PRO A 103 4.54 5.22 12.40
C PRO A 103 3.88 3.85 12.72
N SER A 104 2.96 3.83 13.69
CA SER A 104 2.27 2.62 14.11
C SER A 104 1.45 2.04 12.97
N PHE A 105 1.03 2.91 12.06
CA PHE A 105 0.21 2.54 10.90
C PHE A 105 1.07 1.88 9.83
N SER A 106 2.17 2.55 9.49
CA SER A 106 3.09 2.07 8.45
C SER A 106 3.65 0.66 8.69
N SER A 107 3.89 0.31 9.95
CA SER A 107 4.41 -1.01 10.32
C SER A 107 3.59 -2.11 9.66
N LEU A 108 2.28 -1.87 9.61
CA LEU A 108 1.35 -2.80 9.00
C LEU A 108 1.71 -3.10 7.55
N PHE A 109 1.43 -4.35 7.15
CA PHE A 109 1.70 -4.81 5.80
C PHE A 109 0.80 -4.03 4.87
N LEU A 110 1.37 -3.63 3.75
CA LEU A 110 0.69 -2.85 2.72
C LEU A 110 -0.77 -3.22 2.47
N ASN A 111 -1.07 -4.51 2.44
CA ASN A 111 -2.43 -4.98 2.19
C ASN A 111 -3.47 -4.44 3.17
N ASP A 112 -3.12 -4.38 4.45
CA ASP A 112 -4.05 -3.86 5.43
C ASP A 112 -4.05 -2.34 5.43
N GLN A 113 -2.94 -1.72 5.02
CA GLN A 113 -2.89 -0.27 4.95
C GLN A 113 -3.97 0.17 3.95
N VAL A 114 -4.10 -0.59 2.88
CA VAL A 114 -5.08 -0.33 1.83
C VAL A 114 -6.52 -0.56 2.31
N THR A 115 -6.80 -1.72 2.91
CA THR A 115 -8.16 -1.97 3.37
C THR A 115 -8.68 -0.87 4.29
N LEU A 116 -7.82 -0.36 5.16
CA LEU A 116 -8.19 0.71 6.07
C LEU A 116 -8.49 1.97 5.25
N LEU A 117 -7.71 2.19 4.18
CA LEU A 117 -7.92 3.35 3.32
C LEU A 117 -9.07 3.17 2.37
N LYS A 118 -9.36 1.93 2.00
CA LYS A 118 -10.46 1.64 1.08
C LYS A 118 -11.82 1.98 1.69
N TYR A 119 -12.01 1.65 2.97
CA TYR A 119 -13.27 1.91 3.63
C TYR A 119 -13.29 3.14 4.53
N GLY A 120 -12.13 3.74 4.76
CA GLY A 120 -12.05 4.91 5.62
C GLY A 120 -12.07 6.27 4.94
N VAL A 121 -11.42 6.40 3.78
CA VAL A 121 -11.34 7.67 3.08
C VAL A 121 -12.60 8.50 2.95
N HIS A 122 -13.70 7.91 2.49
CA HIS A 122 -14.93 8.68 2.36
C HIS A 122 -15.45 9.17 3.69
N GLU A 123 -15.37 8.34 4.72
CA GLU A 123 -15.83 8.74 6.04
C GLU A 123 -15.02 9.97 6.43
N ALA A 124 -13.73 9.94 6.13
CA ALA A 124 -12.80 11.02 6.44
C ALA A 124 -12.84 12.21 5.48
N ILE A 125 -13.40 12.02 4.28
CA ILE A 125 -13.49 13.10 3.30
C ILE A 125 -14.66 14.00 3.63
N PHE A 126 -15.76 13.38 4.06
CA PHE A 126 -16.95 14.13 4.39
C PHE A 126 -16.83 14.95 5.67
N ALA A 127 -16.01 14.48 6.60
CA ALA A 127 -15.81 15.20 7.84
C ALA A 127 -14.99 16.46 7.53
N MET A 128 -13.97 16.31 6.70
CA MET A 128 -13.13 17.44 6.30
C MET A 128 -13.82 18.39 5.32
N LEU A 129 -14.91 17.96 4.71
CA LEU A 129 -15.60 18.83 3.79
C LEU A 129 -16.26 19.89 4.65
N ALA A 130 -16.95 19.43 5.70
CA ALA A 130 -17.64 20.29 6.66
C ALA A 130 -16.69 21.37 7.16
N SER A 131 -15.42 21.01 7.21
CA SER A 131 -14.35 21.89 7.66
C SER A 131 -14.25 23.11 6.72
N ILE A 132 -14.56 22.90 5.44
CA ILE A 132 -14.50 23.96 4.43
C ILE A 132 -15.86 24.33 3.80
N VAL A 133 -16.92 24.23 4.59
CA VAL A 133 -18.24 24.55 4.09
C VAL A 133 -19.02 25.46 5.05
N ASN A 134 -20.31 25.63 4.74
CA ASN A 134 -21.26 26.41 5.55
C ASN A 134 -22.57 26.37 4.80
N LYS A 135 -23.67 26.53 5.54
CA LYS A 135 -25.03 26.48 4.99
C LYS A 135 -25.21 27.05 3.58
N ASP A 136 -24.41 28.06 3.22
CA ASP A 136 -24.50 28.70 1.90
C ASP A 136 -23.71 28.02 0.77
N GLY A 137 -22.48 27.64 1.07
CA GLY A 137 -21.64 26.98 0.07
C GLY A 137 -20.35 26.40 0.59
N LEU A 138 -19.48 25.96 -0.33
CA LEU A 138 -18.20 25.37 0.04
C LEU A 138 -17.08 26.03 -0.75
N LEU A 139 -15.88 26.00 -0.20
CA LEU A 139 -14.73 26.55 -0.90
C LEU A 139 -14.22 25.52 -1.88
N VAL A 140 -13.84 25.97 -3.06
CA VAL A 140 -13.32 25.08 -4.08
C VAL A 140 -12.04 25.70 -4.59
N ALA A 141 -11.22 24.88 -5.22
CA ALA A 141 -9.95 25.32 -5.77
C ALA A 141 -9.20 26.18 -4.76
N ASN A 142 -8.63 25.51 -3.77
CA ASN A 142 -7.83 26.13 -2.72
C ASN A 142 -8.42 27.40 -2.11
N GLY A 143 -9.72 27.37 -1.79
CA GLY A 143 -10.37 28.52 -1.19
C GLY A 143 -10.38 29.74 -2.10
N SER A 144 -10.03 29.54 -3.36
CA SER A 144 -9.99 30.62 -4.35
C SER A 144 -11.38 31.01 -4.84
N GLY A 145 -12.33 30.10 -4.72
CA GLY A 145 -13.69 30.39 -5.15
C GLY A 145 -14.68 29.93 -4.11
N PHE A 146 -15.97 30.10 -4.39
CA PHE A 146 -16.99 29.70 -3.44
C PHE A 146 -18.23 29.19 -4.16
N VAL A 147 -18.34 27.87 -4.27
CA VAL A 147 -19.50 27.28 -4.92
C VAL A 147 -20.69 27.36 -3.97
N THR A 148 -21.85 27.71 -4.51
CA THR A 148 -23.04 27.83 -3.69
C THR A 148 -23.85 26.54 -3.66
N ARG A 149 -24.43 26.27 -2.50
CA ARG A 149 -25.26 25.09 -2.29
C ARG A 149 -26.45 25.19 -3.23
N GLU A 150 -26.88 26.43 -3.46
CA GLU A 150 -28.00 26.72 -4.33
C GLU A 150 -27.70 26.16 -5.73
N PHE A 151 -26.64 26.68 -6.33
CA PHE A 151 -26.20 26.24 -7.65
C PHE A 151 -25.96 24.74 -7.64
N LEU A 152 -25.51 24.22 -6.50
CA LEU A 152 -25.23 22.80 -6.32
C LEU A 152 -26.46 21.92 -6.41
N ARG A 153 -27.57 22.37 -5.81
CA ARG A 153 -28.80 21.59 -5.84
C ARG A 153 -29.40 21.52 -7.22
N SER A 154 -29.38 22.65 -7.95
CA SER A 154 -29.94 22.79 -9.31
C SER A 154 -29.55 21.75 -10.37
N LEU A 155 -28.43 21.06 -10.16
CA LEU A 155 -27.94 20.05 -11.08
C LEU A 155 -28.92 18.89 -11.12
N ARG A 156 -29.05 18.24 -12.27
CA ARG A 156 -29.95 17.10 -12.46
C ARG A 156 -29.94 16.17 -11.26
N LYS A 157 -31.11 15.64 -10.91
CA LYS A 157 -31.23 14.76 -9.75
C LYS A 157 -30.20 13.65 -9.63
N PRO A 158 -29.86 12.98 -10.75
CA PRO A 158 -28.85 11.91 -10.62
C PRO A 158 -27.46 12.42 -10.25
N PHE A 159 -27.41 13.57 -9.56
CA PHE A 159 -26.17 14.22 -9.14
C PHE A 159 -26.40 15.08 -7.91
N SER A 160 -27.51 15.80 -7.91
CA SER A 160 -27.89 16.65 -6.78
C SER A 160 -28.22 15.76 -5.57
N ASP A 161 -28.54 14.51 -5.88
CA ASP A 161 -28.89 13.51 -4.87
C ASP A 161 -27.75 13.10 -3.94
N ILE A 162 -26.51 13.35 -4.35
CA ILE A 162 -25.34 13.00 -3.53
C ILE A 162 -24.76 14.20 -2.80
N ILE A 163 -24.93 15.38 -3.37
CA ILE A 163 -24.38 16.61 -2.78
C ILE A 163 -24.99 17.13 -1.47
N GLU A 164 -26.31 17.16 -1.39
CA GLU A 164 -27.01 17.67 -0.20
C GLU A 164 -26.83 16.93 1.11
N PRO A 165 -26.92 15.59 1.10
CA PRO A 165 -26.75 14.79 2.32
C PRO A 165 -25.46 15.15 3.06
N LYS A 166 -24.49 15.66 2.31
CA LYS A 166 -23.19 16.06 2.85
C LYS A 166 -23.25 17.44 3.49
N PHE A 167 -24.11 18.31 2.94
CA PHE A 167 -24.29 19.66 3.47
C PHE A 167 -25.01 19.60 4.81
N GLU A 168 -26.06 18.78 4.87
CA GLU A 168 -26.84 18.61 6.08
C GLU A 168 -25.92 18.14 7.22
N PHE A 169 -25.03 17.20 6.89
CA PHE A 169 -24.07 16.66 7.85
C PHE A 169 -23.07 17.73 8.23
N ALA A 170 -22.55 18.38 7.21
CA ALA A 170 -21.56 19.41 7.39
C ALA A 170 -21.89 20.37 8.52
N VAL A 171 -23.03 21.06 8.41
CA VAL A 171 -23.44 22.02 9.42
C VAL A 171 -23.75 21.32 10.72
N LYS A 172 -24.45 20.19 10.62
CA LYS A 172 -24.78 19.39 11.79
C LYS A 172 -23.50 18.59 12.13
N PHE A 173 -22.43 19.35 12.40
CA PHE A 173 -21.09 18.82 12.75
C PHE A 173 -20.14 19.98 13.08
N ASN A 174 -20.35 21.13 12.45
CA ASN A 174 -19.50 22.28 12.75
C ASN A 174 -20.03 22.95 14.00
N ALA A 175 -21.18 22.45 14.46
CA ALA A 175 -21.83 22.94 15.67
C ALA A 175 -21.04 22.51 16.89
N LEU A 176 -20.11 21.60 16.67
CA LEU A 176 -19.26 21.07 17.73
C LEU A 176 -18.01 21.93 17.85
N GLU A 177 -17.82 22.81 16.86
CA GLU A 177 -16.70 23.75 16.84
C GLU A 177 -15.30 23.17 17.13
N LEU A 178 -14.90 22.10 16.45
CA LEU A 178 -13.58 21.53 16.68
C LEU A 178 -12.55 22.42 16.05
N ASP A 179 -11.29 22.08 16.24
CA ASP A 179 -10.19 22.84 15.62
C ASP A 179 -9.21 21.82 15.08
N ASP A 180 -8.44 22.24 14.08
CA ASP A 180 -7.46 21.37 13.42
C ASP A 180 -6.82 20.28 14.25
N SER A 181 -6.49 20.59 15.51
CA SER A 181 -5.87 19.65 16.44
C SER A 181 -6.75 18.45 16.75
N ASP A 182 -8.05 18.71 16.88
CA ASP A 182 -9.01 17.65 17.18
C ASP A 182 -9.17 16.77 15.95
N LEU A 183 -9.36 17.43 14.79
CA LEU A 183 -9.53 16.75 13.51
C LEU A 183 -8.40 15.79 13.23
N ALA A 184 -7.19 16.24 13.44
CA ALA A 184 -6.01 15.41 13.26
C ALA A 184 -6.28 14.09 13.96
N LEU A 185 -6.82 14.20 15.19
CA LEU A 185 -7.14 13.03 15.99
C LEU A 185 -8.46 12.36 15.64
N PHE A 186 -9.33 13.08 14.92
CA PHE A 186 -10.60 12.52 14.52
C PHE A 186 -10.39 11.65 13.28
N ILE A 187 -9.71 12.22 12.28
CA ILE A 187 -9.42 11.53 11.03
C ILE A 187 -8.60 10.26 11.22
N ALA A 188 -7.74 10.26 12.23
CA ALA A 188 -6.91 9.11 12.54
C ALA A 188 -7.77 7.99 13.12
N ALA A 189 -8.73 8.37 13.95
CA ALA A 189 -9.63 7.41 14.58
C ALA A 189 -10.56 6.77 13.56
N ILE A 190 -10.73 7.44 12.42
CA ILE A 190 -11.58 6.94 11.35
C ILE A 190 -10.78 6.02 10.41
N ILE A 191 -9.55 6.41 10.11
CA ILE A 191 -8.68 5.63 9.25
C ILE A 191 -8.43 4.25 9.86
N LEU A 192 -7.93 4.24 11.10
CA LEU A 192 -7.63 3.02 11.85
C LEU A 192 -8.86 2.55 12.59
N CYS A 193 -9.68 1.78 11.90
CA CYS A 193 -10.92 1.26 12.44
C CYS A 193 -10.88 -0.21 12.08
N GLY A 194 -10.57 -1.05 13.06
CA GLY A 194 -10.47 -2.49 12.81
C GLY A 194 -11.76 -3.20 12.47
N ASP A 195 -12.82 -2.44 12.25
CA ASP A 195 -14.10 -3.03 11.94
C ASP A 195 -14.29 -3.07 10.42
N ARG A 196 -13.20 -2.90 9.69
CA ARG A 196 -13.26 -2.94 8.23
C ARG A 196 -13.17 -4.39 7.74
N PRO A 197 -13.99 -4.76 6.76
CA PRO A 197 -14.08 -6.09 6.14
C PRO A 197 -12.81 -6.54 5.42
N GLY A 198 -12.34 -7.75 5.77
CA GLY A 198 -11.16 -8.29 5.12
C GLY A 198 -9.81 -7.87 5.67
N LEU A 199 -9.80 -7.33 6.88
CA LEU A 199 -8.56 -6.91 7.50
C LEU A 199 -7.80 -8.16 7.91
N MET A 200 -6.58 -8.30 7.41
CA MET A 200 -5.75 -9.46 7.71
C MET A 200 -5.40 -9.55 9.19
N ASN A 201 -5.04 -8.41 9.78
CA ASN A 201 -4.65 -8.37 11.19
C ASN A 201 -5.53 -7.43 12.03
N VAL A 202 -6.74 -7.86 12.35
CA VAL A 202 -7.67 -7.06 13.14
C VAL A 202 -7.15 -6.55 14.50
N PRO A 203 -6.63 -7.45 15.36
CA PRO A 203 -6.10 -7.05 16.67
C PRO A 203 -5.03 -5.96 16.67
N ARG A 204 -4.09 -6.04 15.73
CA ARG A 204 -3.04 -5.03 15.64
C ARG A 204 -3.63 -3.66 15.30
N VAL A 205 -4.82 -3.65 14.69
CA VAL A 205 -5.51 -2.42 14.32
C VAL A 205 -6.37 -1.94 15.50
N GLU A 206 -7.21 -2.84 16.01
CA GLU A 206 -8.06 -2.52 17.16
C GLU A 206 -7.25 -1.96 18.33
N ALA A 207 -5.94 -2.25 18.31
CA ALA A 207 -5.02 -1.79 19.35
C ALA A 207 -4.64 -0.33 19.13
N ILE A 208 -4.26 -0.01 17.88
CA ILE A 208 -3.88 1.34 17.48
C ILE A 208 -5.06 2.27 17.60
N GLN A 209 -6.22 1.81 17.14
CA GLN A 209 -7.45 2.57 17.19
C GLN A 209 -7.76 3.04 18.61
N ASP A 210 -7.58 2.12 19.57
CA ASP A 210 -7.83 2.36 20.99
C ASP A 210 -6.91 3.45 21.52
N THR A 211 -5.64 3.40 21.13
CA THR A 211 -4.69 4.39 21.57
C THR A 211 -5.14 5.76 21.08
N ILE A 212 -5.45 5.86 19.78
CA ILE A 212 -5.90 7.13 19.22
C ILE A 212 -7.13 7.68 19.92
N LEU A 213 -8.13 6.83 20.16
CA LEU A 213 -9.35 7.24 20.83
C LEU A 213 -9.10 7.70 22.26
N ARG A 214 -8.26 6.97 22.98
CA ARG A 214 -7.91 7.34 24.35
C ARG A 214 -7.17 8.67 24.29
N ALA A 215 -6.26 8.76 23.33
CA ALA A 215 -5.46 9.97 23.10
C ALA A 215 -6.38 11.12 22.83
N LEU A 216 -7.36 10.89 21.95
CA LEU A 216 -8.34 11.90 21.57
C LEU A 216 -9.04 12.48 22.79
N GLU A 217 -9.61 11.59 23.60
CA GLU A 217 -10.34 11.97 24.82
C GLU A 217 -9.53 12.91 25.71
N PHE A 218 -8.37 12.44 26.15
CA PHE A 218 -7.52 13.25 27.01
C PHE A 218 -7.34 14.63 26.38
N HIS A 219 -7.15 14.68 25.07
CA HIS A 219 -6.98 15.95 24.37
C HIS A 219 -8.23 16.81 24.33
N LEU A 220 -9.40 16.17 24.42
CA LEU A 220 -10.65 16.92 24.38
C LEU A 220 -11.04 17.58 25.69
N GLN A 221 -10.56 17.03 26.79
CA GLN A 221 -10.84 17.59 28.12
C GLN A 221 -10.04 18.86 28.29
N ALA A 222 -8.77 18.78 27.90
CA ALA A 222 -7.87 19.90 28.00
C ALA A 222 -8.27 20.98 27.01
N ASN A 223 -8.50 20.58 25.76
CA ASN A 223 -8.86 21.51 24.69
C ASN A 223 -10.31 22.02 24.63
N HIS A 224 -11.22 21.33 25.31
CA HIS A 224 -12.63 21.75 25.32
C HIS A 224 -13.21 21.49 26.71
N PRO A 225 -12.60 22.13 27.73
CA PRO A 225 -12.98 22.00 29.15
C PRO A 225 -14.47 21.98 29.40
N ASP A 226 -15.13 23.03 28.97
CA ASP A 226 -16.55 23.19 29.18
C ASP A 226 -17.42 22.33 28.25
N ALA A 227 -16.81 21.72 27.24
CA ALA A 227 -17.55 20.89 26.29
C ALA A 227 -18.22 19.69 26.97
N GLN A 228 -19.45 19.91 27.41
CA GLN A 228 -20.23 18.87 28.08
C GLN A 228 -20.57 17.73 27.11
N TYR A 229 -20.05 16.53 27.39
CA TYR A 229 -20.31 15.35 26.57
C TYR A 229 -19.68 15.33 25.17
N LEU A 230 -18.51 15.94 24.97
CA LEU A 230 -17.89 15.97 23.63
C LEU A 230 -17.49 14.63 23.02
N PHE A 231 -16.46 13.99 23.60
CA PHE A 231 -15.92 12.69 23.13
C PHE A 231 -16.94 11.60 22.83
N PRO A 232 -18.03 11.52 23.61
CA PRO A 232 -18.97 10.45 23.23
C PRO A 232 -19.73 10.87 21.98
N LYS A 233 -19.88 12.18 21.79
CA LYS A 233 -20.58 12.71 20.63
C LYS A 233 -19.87 12.35 19.33
N LEU A 234 -18.56 12.58 19.30
CA LEU A 234 -17.77 12.31 18.12
C LEU A 234 -17.87 10.88 17.64
N LEU A 235 -17.81 9.92 18.57
CA LEU A 235 -17.91 8.51 18.23
C LEU A 235 -19.23 8.27 17.52
N GLN A 236 -20.22 9.07 17.88
CA GLN A 236 -21.51 8.96 17.27
C GLN A 236 -21.43 9.54 15.87
N LYS A 237 -20.72 10.65 15.71
CA LYS A 237 -20.55 11.25 14.39
C LYS A 237 -19.77 10.28 13.51
N MET A 238 -18.91 9.48 14.13
CA MET A 238 -18.12 8.48 13.41
C MET A 238 -19.04 7.45 12.80
N ALA A 239 -20.05 7.04 13.57
CA ALA A 239 -21.02 6.05 13.12
C ALA A 239 -21.89 6.64 12.02
N ASP A 240 -22.27 7.90 12.20
CA ASP A 240 -23.10 8.63 11.24
C ASP A 240 -22.34 8.75 9.92
N LEU A 241 -21.02 8.92 10.01
CA LEU A 241 -20.17 9.04 8.84
C LEU A 241 -20.13 7.74 8.05
N ARG A 242 -20.28 6.61 8.73
CA ARG A 242 -20.28 5.32 8.05
C ARG A 242 -21.63 5.20 7.40
N GLN A 243 -22.61 5.87 8.00
CA GLN A 243 -23.97 5.87 7.50
C GLN A 243 -24.03 6.67 6.23
N LEU A 244 -23.42 7.85 6.25
CA LEU A 244 -23.42 8.74 5.09
C LEU A 244 -22.78 8.09 3.87
N VAL A 245 -21.57 7.56 4.04
CA VAL A 245 -20.86 6.91 2.94
C VAL A 245 -21.62 5.71 2.43
N THR A 246 -22.14 4.91 3.34
CA THR A 246 -22.91 3.72 2.98
C THR A 246 -24.01 4.11 2.00
N GLU A 247 -24.64 5.25 2.26
CA GLU A 247 -25.73 5.76 1.43
C GLU A 247 -25.17 6.49 0.22
N HIS A 248 -24.00 7.06 0.39
CA HIS A 248 -23.31 7.77 -0.67
C HIS A 248 -22.94 6.78 -1.76
N ALA A 249 -22.50 5.58 -1.35
CA ALA A 249 -22.10 4.53 -2.28
C ALA A 249 -23.32 4.09 -3.06
N GLN A 250 -24.40 3.80 -2.33
CA GLN A 250 -25.67 3.38 -2.95
C GLN A 250 -25.95 4.28 -4.17
N MET A 251 -26.00 5.58 -3.95
CA MET A 251 -26.26 6.55 -5.02
C MET A 251 -25.24 6.44 -6.14
N MET A 252 -23.96 6.47 -5.79
CA MET A 252 -22.88 6.38 -6.76
C MET A 252 -23.09 5.17 -7.66
N GLN A 253 -23.30 4.00 -7.05
CA GLN A 253 -23.53 2.75 -7.80
C GLN A 253 -24.69 2.98 -8.78
N ARG A 254 -25.78 3.54 -8.27
CA ARG A 254 -26.97 3.84 -9.06
C ARG A 254 -26.66 4.78 -10.23
N ILE A 255 -25.64 5.62 -10.09
CA ILE A 255 -25.29 6.53 -11.16
C ILE A 255 -24.47 5.74 -12.18
N LYS A 256 -23.50 5.00 -11.67
CA LYS A 256 -22.65 4.17 -12.51
C LYS A 256 -23.56 3.24 -13.31
N LYS A 257 -24.69 2.88 -12.68
CA LYS A 257 -25.69 1.98 -13.25
C LYS A 257 -26.60 2.68 -14.26
N THR A 258 -26.82 3.99 -14.10
CA THR A 258 -27.68 4.73 -15.02
C THR A 258 -26.91 5.59 -16.03
N GLU A 259 -26.32 6.69 -15.56
CA GLU A 259 -25.57 7.58 -16.44
C GLU A 259 -24.36 6.84 -17.02
N THR A 260 -24.63 5.99 -18.00
CA THR A 260 -23.59 5.21 -18.66
C THR A 260 -22.60 6.15 -19.34
N GLU A 261 -23.13 7.23 -19.90
CA GLU A 261 -22.34 8.26 -20.59
C GLU A 261 -21.27 8.84 -19.65
N THR A 262 -21.60 8.91 -18.37
CA THR A 262 -20.73 9.46 -17.33
C THR A 262 -19.61 8.51 -16.89
N SER A 263 -18.37 9.01 -17.00
CA SER A 263 -17.17 8.25 -16.66
C SER A 263 -16.76 8.38 -15.19
N LEU A 264 -16.52 7.23 -14.56
CA LEU A 264 -16.09 7.19 -13.15
C LEU A 264 -14.59 6.88 -13.07
N HIS A 265 -13.83 7.73 -12.36
CA HIS A 265 -12.38 7.54 -12.19
C HIS A 265 -12.08 6.11 -11.69
N PRO A 266 -11.01 5.48 -12.19
CA PRO A 266 -10.63 4.13 -11.79
C PRO A 266 -10.47 3.92 -10.28
N LEU A 267 -9.92 4.91 -9.59
CA LEU A 267 -9.72 4.82 -8.14
C LEU A 267 -11.05 4.81 -7.37
N LEU A 268 -12.01 5.60 -7.82
CA LEU A 268 -13.31 5.62 -7.16
C LEU A 268 -14.06 4.35 -7.48
N GLN A 269 -13.57 3.61 -8.47
CA GLN A 269 -14.18 2.35 -8.86
C GLN A 269 -13.77 1.25 -7.87
N GLU A 270 -12.48 1.24 -7.55
CA GLU A 270 -11.90 0.25 -6.64
C GLU A 270 -12.42 0.40 -5.22
N ILE A 271 -12.64 1.64 -4.80
CA ILE A 271 -13.15 1.92 -3.46
C ILE A 271 -14.55 1.35 -3.30
N TYR A 272 -15.45 1.76 -4.18
CA TYR A 272 -16.83 1.31 -4.11
C TYR A 272 -17.07 -0.18 -4.30
N LYS A 273 -16.49 -0.78 -5.34
CA LYS A 273 -16.62 -2.22 -5.62
C LYS A 273 -16.90 -3.07 -4.38
N ASP A 274 -18.01 -3.82 -4.41
CA ASP A 274 -18.45 -4.70 -3.31
C ASP A 274 -19.28 -4.02 -2.20
N MET A 275 -19.24 -2.70 -2.12
CA MET A 275 -20.02 -1.97 -1.12
C MET A 275 -21.52 -2.09 -1.50
N MET B 4 24.74 10.64 -24.09
CA MET B 4 23.34 10.20 -24.29
C MET B 4 22.44 10.53 -23.10
N PRO B 5 21.37 11.34 -23.36
CA PRO B 5 20.36 11.78 -22.37
C PRO B 5 19.78 10.61 -21.58
N GLN B 6 19.61 9.47 -22.27
CA GLN B 6 19.08 8.23 -21.71
C GLN B 6 20.18 7.63 -20.83
N VAL B 7 21.31 7.23 -21.45
CA VAL B 7 22.46 6.62 -20.75
C VAL B 7 22.85 7.42 -19.47
N ALA B 8 22.49 8.70 -19.45
CA ALA B 8 22.77 9.57 -18.30
C ALA B 8 21.90 9.23 -17.08
N ASP B 9 20.63 9.64 -17.10
CA ASP B 9 19.71 9.39 -15.99
C ASP B 9 19.52 7.90 -15.64
N LEU B 10 20.03 7.02 -16.49
CA LEU B 10 19.90 5.58 -16.30
C LEU B 10 20.95 4.92 -15.43
N LYS B 11 22.22 5.26 -15.64
CA LYS B 11 23.32 4.70 -14.87
C LYS B 11 23.08 5.04 -13.40
N ALA B 12 22.53 6.23 -13.19
CA ALA B 12 22.21 6.71 -11.85
C ALA B 12 20.98 5.96 -11.33
N PHE B 13 19.91 5.91 -12.13
CA PHE B 13 18.66 5.21 -11.79
C PHE B 13 18.99 3.78 -11.39
N SER B 14 20.04 3.25 -12.01
CA SER B 14 20.52 1.91 -11.74
C SER B 14 21.13 1.92 -10.35
N LYS B 15 22.08 2.83 -10.13
CA LYS B 15 22.75 2.95 -8.84
C LYS B 15 21.74 3.11 -7.69
N HIS B 16 20.76 4.00 -7.86
CA HIS B 16 19.73 4.26 -6.85
C HIS B 16 19.07 2.96 -6.39
N ILE B 17 18.58 2.17 -7.34
CA ILE B 17 17.92 0.90 -7.02
C ILE B 17 18.91 0.01 -6.27
N TYR B 18 20.16 0.01 -6.72
CA TYR B 18 21.21 -0.78 -6.09
C TYR B 18 21.43 -0.32 -4.63
N ASN B 19 21.21 0.99 -4.42
CA ASN B 19 21.36 1.58 -3.11
C ASN B 19 20.09 1.33 -2.30
N ALA B 20 19.05 0.84 -2.97
CA ALA B 20 17.78 0.55 -2.30
C ALA B 20 17.80 -0.91 -1.88
N TYR B 21 18.51 -1.71 -2.66
CA TYR B 21 18.68 -3.14 -2.43
C TYR B 21 19.58 -3.31 -1.21
N LEU B 22 20.72 -2.65 -1.25
CA LEU B 22 21.69 -2.72 -0.15
C LEU B 22 21.19 -2.22 1.20
N LYS B 23 20.22 -1.30 1.19
CA LYS B 23 19.67 -0.77 2.43
C LYS B 23 18.52 -1.62 2.96
N ASN B 24 17.97 -2.51 2.13
CA ASN B 24 16.80 -3.28 2.57
C ASN B 24 16.84 -4.78 2.77
N PHE B 25 17.79 -5.47 2.17
CA PHE B 25 17.87 -6.92 2.31
C PHE B 25 18.90 -7.36 3.34
N ASN B 26 18.46 -8.17 4.30
CA ASN B 26 19.35 -8.63 5.35
C ASN B 26 20.41 -9.59 4.85
N MET B 27 20.28 -10.03 3.60
CA MET B 27 21.24 -10.97 3.03
C MET B 27 21.47 -10.73 1.54
N THR B 28 22.74 -10.57 1.19
CA THR B 28 23.14 -10.36 -0.20
C THR B 28 23.92 -11.56 -0.71
N LYS B 29 24.01 -11.69 -2.03
CA LYS B 29 24.76 -12.78 -2.65
C LYS B 29 26.23 -12.59 -2.34
N LYS B 30 26.65 -11.33 -2.14
CA LYS B 30 28.04 -11.00 -1.82
C LYS B 30 28.38 -11.66 -0.49
N LYS B 31 27.65 -11.28 0.55
CA LYS B 31 27.83 -11.83 1.88
C LYS B 31 27.65 -13.34 1.83
N ALA B 32 26.51 -13.77 1.29
CA ALA B 32 26.20 -15.18 1.17
C ALA B 32 27.31 -16.00 0.49
N ARG B 33 27.69 -15.60 -0.72
CA ARG B 33 28.73 -16.28 -1.47
C ARG B 33 30.02 -16.45 -0.67
N SER B 34 30.37 -15.44 0.13
CA SER B 34 31.59 -15.52 0.93
C SER B 34 31.48 -16.68 1.90
N ILE B 35 30.35 -16.73 2.61
CA ILE B 35 30.08 -17.77 3.59
C ILE B 35 30.25 -19.16 3.00
N LEU B 36 29.69 -19.36 1.79
CA LEU B 36 29.79 -20.64 1.11
C LEU B 36 31.16 -20.90 0.49
N THR B 37 32.05 -19.91 0.58
CA THR B 37 33.42 -20.04 0.09
C THR B 37 34.42 -19.47 1.11
N GLY B 38 34.98 -18.28 0.84
CA GLY B 38 35.94 -17.66 1.76
C GLY B 38 35.31 -17.01 3.00
N HIS B 42 33.70 -16.19 8.83
CA HIS B 42 33.96 -16.14 10.28
C HIS B 42 33.64 -17.49 10.91
N THR B 43 32.37 -17.69 11.26
CA THR B 43 31.91 -18.93 11.90
C THR B 43 31.53 -19.95 10.82
N ALA B 44 31.66 -21.23 11.15
CA ALA B 44 31.27 -22.30 10.23
C ALA B 44 29.80 -22.61 10.55
N PRO B 45 28.86 -22.09 9.73
CA PRO B 45 27.41 -22.28 9.90
C PRO B 45 27.03 -23.70 10.28
N PHE B 46 26.36 -23.84 11.42
CA PHE B 46 25.93 -25.14 11.94
C PHE B 46 25.13 -25.92 10.93
N VAL B 47 25.77 -26.93 10.36
CA VAL B 47 25.16 -27.79 9.35
C VAL B 47 24.00 -28.61 9.90
N ILE B 48 22.79 -28.25 9.47
CA ILE B 48 21.57 -28.95 9.89
C ILE B 48 21.31 -29.99 8.83
N HIS B 49 21.17 -31.24 9.26
CA HIS B 49 20.93 -32.36 8.33
C HIS B 49 20.08 -33.47 8.90
N ASP B 50 19.61 -33.30 10.13
CA ASP B 50 18.74 -34.28 10.76
C ASP B 50 17.96 -33.70 11.93
N ILE B 51 17.34 -34.56 12.74
CA ILE B 51 16.54 -34.07 13.84
C ILE B 51 17.38 -33.40 14.90
N GLU B 52 18.47 -34.06 15.27
CA GLU B 52 19.39 -33.53 16.29
C GLU B 52 19.88 -32.15 15.91
N THR B 53 20.59 -32.05 14.80
CA THR B 53 21.11 -30.78 14.34
C THR B 53 19.97 -29.73 14.28
N LEU B 54 18.84 -30.14 13.73
CA LEU B 54 17.68 -29.26 13.63
C LEU B 54 17.29 -28.79 15.01
N TRP B 55 16.89 -29.75 15.86
CA TRP B 55 16.47 -29.46 17.23
C TRP B 55 17.56 -28.69 17.96
N GLN B 56 18.82 -28.99 17.64
CA GLN B 56 19.93 -28.30 18.26
C GLN B 56 19.94 -26.86 17.81
N ALA B 57 20.14 -26.66 16.50
CA ALA B 57 20.15 -25.32 15.89
C ALA B 57 19.02 -24.50 16.46
N GLU B 58 17.87 -25.16 16.61
CA GLU B 58 16.66 -24.56 17.16
C GLU B 58 16.87 -23.92 18.53
N LYS B 59 16.85 -24.77 19.56
CA LYS B 59 16.98 -24.39 20.97
C LYS B 59 17.83 -23.17 21.24
N GLY B 60 19.09 -23.23 20.81
CA GLY B 60 19.99 -22.12 21.02
C GLY B 60 21.25 -22.11 20.18
N LEU B 61 21.63 -23.26 19.63
CA LEU B 61 22.84 -23.30 18.83
C LEU B 61 22.85 -22.24 17.71
N VAL B 62 21.77 -22.18 16.93
CA VAL B 62 21.65 -21.22 15.81
C VAL B 62 20.61 -20.13 16.09
N TRP B 63 19.34 -20.51 16.14
CA TRP B 63 18.27 -19.55 16.43
C TRP B 63 18.36 -19.09 17.89
N LEU B 70 5.73 -18.84 16.29
CA LEU B 70 5.86 -20.10 15.55
C LEU B 70 4.81 -21.08 16.06
N PRO B 71 4.04 -21.71 15.15
CA PRO B 71 2.98 -22.67 15.48
C PRO B 71 3.41 -23.88 16.33
N PRO B 72 2.47 -24.40 17.14
CA PRO B 72 2.75 -25.55 18.01
C PRO B 72 3.37 -26.67 17.21
N TYR B 73 4.57 -27.05 17.64
CA TYR B 73 5.34 -28.11 17.01
C TYR B 73 4.50 -29.35 16.83
N LYS B 74 4.35 -29.80 15.59
CA LYS B 74 3.59 -31.01 15.32
C LYS B 74 4.54 -32.07 14.76
N GLU B 75 5.38 -31.69 13.80
CA GLU B 75 6.35 -32.63 13.21
C GLU B 75 7.43 -31.95 12.40
N ILE B 76 8.60 -32.58 12.31
CA ILE B 76 9.76 -32.04 11.60
C ILE B 76 9.46 -31.46 10.22
N SER B 77 8.71 -32.19 9.42
CA SER B 77 8.35 -31.76 8.07
C SER B 77 7.45 -30.51 8.05
N VAL B 78 6.51 -30.45 8.99
CA VAL B 78 5.61 -29.31 9.13
C VAL B 78 6.32 -28.13 9.78
N HIS B 79 7.29 -28.43 10.64
CA HIS B 79 8.08 -27.43 11.34
C HIS B 79 8.94 -26.71 10.30
N VAL B 80 9.54 -27.47 9.39
CA VAL B 80 10.37 -26.92 8.32
C VAL B 80 9.52 -26.05 7.41
N PHE B 81 8.34 -26.58 7.09
CA PHE B 81 7.36 -25.91 6.25
C PHE B 81 7.08 -24.52 6.81
N TYR B 82 6.84 -24.46 8.13
CA TYR B 82 6.57 -23.21 8.84
C TYR B 82 7.79 -22.30 8.78
N ARG B 83 8.97 -22.90 8.92
CA ARG B 83 10.20 -22.15 8.86
C ARG B 83 10.46 -21.60 7.48
N CYS B 84 9.69 -22.07 6.51
CA CYS B 84 9.80 -21.60 5.13
C CYS B 84 8.81 -20.46 4.94
N GLN B 85 7.76 -20.46 5.75
CA GLN B 85 6.74 -19.42 5.69
C GLN B 85 7.23 -18.13 6.30
N CYS B 86 7.84 -18.22 7.48
CA CYS B 86 8.40 -17.07 8.18
C CYS B 86 9.39 -16.32 7.29
N THR B 87 10.20 -17.12 6.60
CA THR B 87 11.20 -16.62 5.67
C THR B 87 10.49 -15.69 4.68
N THR B 88 9.42 -16.21 4.07
CA THR B 88 8.61 -15.48 3.10
C THR B 88 8.02 -14.20 3.67
N VAL B 89 7.51 -14.31 4.89
CA VAL B 89 6.91 -13.16 5.58
C VAL B 89 7.95 -12.06 5.86
N GLU B 90 9.14 -12.46 6.28
CA GLU B 90 10.19 -11.50 6.56
C GLU B 90 10.71 -10.91 5.25
N THR B 91 10.72 -11.69 4.19
CA THR B 91 11.20 -11.23 2.88
C THR B 91 10.22 -10.27 2.23
N VAL B 92 8.93 -10.56 2.37
CA VAL B 92 7.90 -9.70 1.80
C VAL B 92 8.03 -8.27 2.35
N ARG B 93 8.53 -8.14 3.58
CA ARG B 93 8.70 -6.83 4.20
C ARG B 93 9.84 -6.07 3.56
N GLU B 94 10.98 -6.74 3.42
CA GLU B 94 12.17 -6.16 2.83
C GLU B 94 11.88 -5.78 1.40
N LEU B 95 10.99 -6.54 0.77
CA LEU B 95 10.55 -6.36 -0.62
C LEU B 95 9.55 -5.20 -0.75
N THR B 96 8.91 -4.85 0.36
CA THR B 96 7.96 -3.73 0.37
C THR B 96 8.83 -2.51 0.50
N GLU B 97 9.80 -2.58 1.40
CA GLU B 97 10.73 -1.49 1.62
C GLU B 97 11.54 -1.19 0.38
N PHE B 98 11.99 -2.24 -0.28
CA PHE B 98 12.77 -2.14 -1.50
C PHE B 98 11.92 -1.52 -2.60
N ALA B 99 10.67 -1.95 -2.67
CA ALA B 99 9.76 -1.43 -3.68
C ALA B 99 9.58 0.06 -3.42
N LYS B 100 9.25 0.40 -2.17
CA LYS B 100 9.03 1.77 -1.74
C LYS B 100 10.24 2.68 -1.99
N SER B 101 11.44 2.10 -1.91
CA SER B 101 12.68 2.85 -2.14
C SER B 101 12.93 3.16 -3.62
N ILE B 102 11.85 3.13 -4.39
CA ILE B 102 11.89 3.46 -5.79
C ILE B 102 10.83 4.54 -5.94
N PRO B 103 11.26 5.82 -5.97
CA PRO B 103 10.39 7.01 -6.10
C PRO B 103 9.20 6.93 -7.09
N SER B 104 9.43 6.32 -8.27
CA SER B 104 8.38 6.17 -9.28
C SER B 104 7.38 5.08 -8.86
N PHE B 105 7.80 4.21 -7.94
CA PHE B 105 6.93 3.14 -7.45
C PHE B 105 5.99 3.69 -6.37
N SER B 106 6.58 4.44 -5.43
CA SER B 106 5.82 5.02 -4.33
C SER B 106 4.71 5.95 -4.79
N SER B 107 4.97 6.66 -5.88
CA SER B 107 3.99 7.58 -6.45
C SER B 107 2.68 6.87 -6.76
N LEU B 108 2.76 5.63 -7.25
CA LEU B 108 1.58 4.84 -7.56
C LEU B 108 0.64 4.71 -6.36
N PHE B 109 -0.67 4.66 -6.64
CA PHE B 109 -1.67 4.54 -5.58
C PHE B 109 -1.47 3.25 -4.84
N LEU B 110 -1.52 3.33 -3.51
CA LEU B 110 -1.34 2.19 -2.62
C LEU B 110 -1.91 0.86 -3.15
N ASN B 111 -3.11 0.85 -3.71
CA ASN B 111 -3.65 -0.41 -4.20
C ASN B 111 -2.88 -1.05 -5.33
N ASP B 112 -2.31 -0.24 -6.22
CA ASP B 112 -1.55 -0.82 -7.31
C ASP B 112 -0.29 -1.48 -6.80
N GLN B 113 0.30 -0.89 -5.77
CA GLN B 113 1.52 -1.42 -5.16
C GLN B 113 1.28 -2.79 -4.48
N VAL B 114 0.05 -3.00 -4.03
CA VAL B 114 -0.30 -4.25 -3.36
C VAL B 114 -0.42 -5.35 -4.42
N THR B 115 -1.11 -5.03 -5.51
CA THR B 115 -1.29 -6.02 -6.56
C THR B 115 0.05 -6.45 -7.14
N LEU B 116 0.99 -5.52 -7.20
CA LEU B 116 2.32 -5.81 -7.71
C LEU B 116 3.04 -6.76 -6.76
N LEU B 117 3.10 -6.38 -5.49
CA LEU B 117 3.78 -7.19 -4.48
C LEU B 117 3.08 -8.53 -4.30
N LYS B 118 1.76 -8.52 -4.38
CA LYS B 118 0.97 -9.74 -4.24
C LYS B 118 1.40 -10.79 -5.28
N TYR B 119 1.31 -10.42 -6.55
CA TYR B 119 1.68 -11.32 -7.63
C TYR B 119 3.18 -11.30 -7.93
N GLY B 120 3.94 -10.45 -7.24
CA GLY B 120 5.36 -10.36 -7.50
C GLY B 120 6.33 -10.93 -6.49
N VAL B 121 5.99 -10.87 -5.20
CA VAL B 121 6.84 -11.38 -4.11
C VAL B 121 7.50 -12.73 -4.26
N HIS B 122 6.76 -13.76 -4.70
CA HIS B 122 7.35 -15.09 -4.86
C HIS B 122 8.27 -15.26 -6.05
N GLU B 123 7.99 -14.55 -7.14
CA GLU B 123 8.86 -14.61 -8.32
C GLU B 123 10.23 -14.09 -7.85
N ALA B 124 10.18 -13.02 -7.06
CA ALA B 124 11.36 -12.37 -6.51
C ALA B 124 12.02 -13.17 -5.39
N ILE B 125 11.21 -13.95 -4.68
CA ILE B 125 11.68 -14.76 -3.58
C ILE B 125 12.45 -15.97 -4.08
N PHE B 126 12.02 -16.51 -5.21
CA PHE B 126 12.70 -17.66 -5.76
C PHE B 126 14.01 -17.31 -6.47
N ALA B 127 14.21 -16.03 -6.79
CA ALA B 127 15.43 -15.56 -7.45
C ALA B 127 16.50 -15.21 -6.41
N MET B 128 16.05 -14.69 -5.27
CA MET B 128 16.94 -14.33 -4.17
C MET B 128 17.32 -15.53 -3.33
N LEU B 129 16.58 -16.62 -3.50
CA LEU B 129 16.84 -17.84 -2.75
C LEU B 129 18.12 -18.41 -3.31
N ALA B 130 18.28 -18.31 -4.62
CA ALA B 130 19.44 -18.82 -5.32
C ALA B 130 20.73 -18.25 -4.78
N SER B 131 20.66 -17.04 -4.23
CA SER B 131 21.81 -16.34 -3.68
C SER B 131 22.38 -17.02 -2.46
N ILE B 132 21.50 -17.48 -1.57
CA ILE B 132 21.93 -18.11 -0.34
C ILE B 132 21.86 -19.63 -0.41
N VAL B 133 22.14 -20.17 -1.59
CA VAL B 133 22.07 -21.61 -1.83
C VAL B 133 23.12 -22.11 -2.81
N ASN B 134 23.57 -23.34 -2.60
CA ASN B 134 24.52 -23.98 -3.50
C ASN B 134 23.94 -25.37 -3.72
N LYS B 135 24.48 -26.11 -4.69
CA LYS B 135 23.96 -27.44 -4.99
C LYS B 135 23.65 -28.35 -3.80
N ASP B 136 24.21 -28.05 -2.63
CA ASP B 136 24.00 -28.90 -1.45
C ASP B 136 23.12 -28.36 -0.33
N GLY B 137 22.94 -27.05 -0.25
CA GLY B 137 22.11 -26.50 0.81
C GLY B 137 21.89 -25.00 0.79
N LEU B 138 21.11 -24.51 1.76
CA LEU B 138 20.82 -23.09 1.87
C LEU B 138 21.19 -22.51 3.23
N LEU B 139 21.44 -21.20 3.26
CA LEU B 139 21.81 -20.52 4.49
C LEU B 139 20.63 -20.03 5.34
N VAL B 140 20.62 -20.38 6.61
CA VAL B 140 19.56 -19.95 7.50
C VAL B 140 20.07 -19.11 8.66
N ALA B 141 19.20 -18.23 9.15
CA ALA B 141 19.52 -17.35 10.25
C ALA B 141 20.82 -16.62 9.91
N ASN B 142 20.72 -15.58 9.08
CA ASN B 142 21.87 -14.79 8.64
C ASN B 142 23.12 -15.61 8.31
N GLY B 143 22.93 -16.71 7.59
CA GLY B 143 24.02 -17.57 7.18
C GLY B 143 24.78 -18.31 8.26
N SER B 144 24.22 -18.35 9.48
CA SER B 144 24.85 -19.03 10.61
C SER B 144 24.43 -20.50 10.69
N GLY B 145 23.59 -20.90 9.73
CA GLY B 145 23.13 -22.27 9.66
C GLY B 145 23.20 -22.72 8.22
N PHE B 146 23.15 -24.02 7.98
CA PHE B 146 23.22 -24.53 6.63
C PHE B 146 22.33 -25.75 6.57
N VAL B 147 21.12 -25.56 6.03
CA VAL B 147 20.20 -26.69 5.91
C VAL B 147 20.62 -27.46 4.68
N THR B 148 20.91 -28.73 4.89
CA THR B 148 21.34 -29.60 3.80
C THR B 148 20.15 -30.02 2.98
N ARG B 149 20.35 -29.97 1.68
CA ARG B 149 19.34 -30.36 0.71
C ARG B 149 18.96 -31.82 1.03
N GLU B 150 19.97 -32.65 1.25
CA GLU B 150 19.70 -34.05 1.58
C GLU B 150 18.73 -34.25 2.73
N PHE B 151 18.78 -33.36 3.71
CA PHE B 151 17.86 -33.46 4.84
C PHE B 151 16.48 -32.99 4.39
N LEU B 152 16.47 -31.86 3.69
CA LEU B 152 15.24 -31.28 3.18
C LEU B 152 14.56 -32.24 2.20
N ARG B 153 15.37 -33.00 1.48
CA ARG B 153 14.86 -33.98 0.51
C ARG B 153 14.15 -35.12 1.20
N SER B 154 14.50 -35.37 2.46
CA SER B 154 13.92 -36.45 3.26
C SER B 154 12.65 -36.10 4.07
N LEU B 155 12.19 -34.85 3.96
CA LEU B 155 10.99 -34.44 4.68
C LEU B 155 9.77 -35.16 4.10
N ARG B 156 8.61 -35.03 4.75
CA ARG B 156 7.39 -35.69 4.27
C ARG B 156 7.05 -35.22 2.85
N LYS B 157 6.57 -36.16 2.03
CA LYS B 157 6.22 -35.92 0.62
C LYS B 157 5.51 -34.62 0.31
N PRO B 158 4.28 -34.43 0.83
CA PRO B 158 3.57 -33.18 0.53
C PRO B 158 4.48 -31.96 0.58
N PHE B 159 5.20 -31.80 1.69
CA PHE B 159 6.10 -30.67 1.87
C PHE B 159 7.50 -30.81 1.26
N SER B 160 7.97 -32.03 1.02
CA SER B 160 9.31 -32.18 0.44
C SER B 160 9.37 -31.85 -1.07
N ASP B 161 8.21 -31.85 -1.73
CA ASP B 161 8.15 -31.56 -3.16
C ASP B 161 8.16 -30.09 -3.54
N ILE B 162 7.97 -29.20 -2.58
CA ILE B 162 8.02 -27.77 -2.91
C ILE B 162 9.46 -27.29 -2.78
N ILE B 163 10.25 -28.03 -2.00
CA ILE B 163 11.65 -27.68 -1.76
C ILE B 163 12.56 -27.94 -2.96
N GLU B 164 12.34 -29.05 -3.67
CA GLU B 164 13.23 -29.36 -4.78
C GLU B 164 13.30 -28.43 -5.98
N PRO B 165 12.14 -28.03 -6.54
CA PRO B 165 12.12 -27.13 -7.72
C PRO B 165 12.96 -25.89 -7.51
N LYS B 166 12.82 -25.33 -6.32
CA LYS B 166 13.52 -24.13 -5.91
C LYS B 166 15.02 -24.31 -6.05
N PHE B 167 15.49 -25.53 -5.80
CA PHE B 167 16.91 -25.87 -5.93
C PHE B 167 17.33 -26.03 -7.38
N GLU B 168 16.53 -26.76 -8.15
CA GLU B 168 16.81 -27.02 -9.56
C GLU B 168 17.02 -25.73 -10.35
N PHE B 169 16.20 -24.74 -10.05
CA PHE B 169 16.22 -23.45 -10.70
C PHE B 169 17.35 -22.60 -10.17
N ALA B 170 17.66 -22.76 -8.89
CA ALA B 170 18.69 -21.97 -8.25
C ALA B 170 20.06 -22.24 -8.84
N VAL B 171 20.37 -23.50 -9.12
CA VAL B 171 21.66 -23.80 -9.70
C VAL B 171 21.73 -23.36 -11.17
N LYS B 172 20.70 -23.70 -11.97
CA LYS B 172 20.65 -23.31 -13.39
C LYS B 172 20.63 -21.80 -13.55
N PHE B 173 20.26 -21.13 -12.47
CA PHE B 173 20.18 -19.66 -12.42
C PHE B 173 21.50 -19.05 -11.98
N ASN B 174 22.11 -19.65 -10.96
CA ASN B 174 23.39 -19.16 -10.41
C ASN B 174 24.60 -19.29 -11.32
N ALA B 175 24.42 -19.96 -12.44
CA ALA B 175 25.48 -20.15 -13.42
C ALA B 175 25.70 -18.87 -14.21
N LEU B 176 24.71 -17.99 -14.23
CA LEU B 176 24.83 -16.73 -14.97
C LEU B 176 25.78 -15.80 -14.25
N GLU B 177 26.07 -16.13 -12.99
CA GLU B 177 26.98 -15.35 -12.15
C GLU B 177 26.60 -13.88 -12.01
N LEU B 178 25.40 -13.62 -11.50
CA LEU B 178 24.93 -12.24 -11.34
C LEU B 178 25.25 -11.72 -9.95
N ASP B 179 25.88 -10.55 -9.86
CA ASP B 179 26.19 -9.97 -8.56
C ASP B 179 25.00 -9.17 -8.04
N ASP B 180 25.18 -8.50 -6.90
CA ASP B 180 24.10 -7.74 -6.28
C ASP B 180 23.52 -6.56 -7.02
N SER B 181 24.27 -6.01 -7.96
CA SER B 181 23.79 -4.88 -8.73
C SER B 181 22.82 -5.35 -9.83
N ASP B 182 23.12 -6.52 -10.41
CA ASP B 182 22.27 -7.08 -11.45
C ASP B 182 20.97 -7.46 -10.80
N LEU B 183 21.07 -8.09 -9.64
CA LEU B 183 19.90 -8.54 -8.89
C LEU B 183 19.04 -7.39 -8.41
N ALA B 184 19.66 -6.25 -8.14
CA ALA B 184 18.92 -5.09 -7.68
C ALA B 184 17.93 -4.74 -8.76
N LEU B 185 18.43 -4.64 -9.98
CA LEU B 185 17.62 -4.31 -11.15
C LEU B 185 16.67 -5.46 -11.51
N PHE B 186 17.17 -6.68 -11.42
CA PHE B 186 16.39 -7.87 -11.74
C PHE B 186 15.14 -7.94 -10.90
N ILE B 187 15.28 -7.73 -9.59
CA ILE B 187 14.15 -7.77 -8.67
C ILE B 187 13.16 -6.65 -8.92
N ALA B 188 13.66 -5.49 -9.33
CA ALA B 188 12.80 -4.35 -9.60
C ALA B 188 11.90 -4.63 -10.80
N ALA B 189 12.48 -5.29 -11.80
CA ALA B 189 11.78 -5.67 -13.04
C ALA B 189 10.70 -6.71 -12.79
N ILE B 190 10.90 -7.52 -11.77
CA ILE B 190 9.96 -8.55 -11.38
C ILE B 190 8.80 -7.92 -10.62
N ILE B 191 9.10 -6.96 -9.77
CA ILE B 191 8.04 -6.31 -9.01
C ILE B 191 7.16 -5.45 -9.90
N LEU B 192 7.79 -4.64 -10.77
CA LEU B 192 7.06 -3.78 -11.70
C LEU B 192 6.84 -4.49 -13.02
N CYS B 193 5.79 -5.31 -13.06
CA CYS B 193 5.43 -6.09 -14.24
C CYS B 193 3.99 -5.79 -14.65
N GLY B 194 3.85 -4.89 -15.63
CA GLY B 194 2.54 -4.48 -16.09
C GLY B 194 1.51 -5.58 -16.29
N ASP B 195 1.95 -6.74 -16.76
CA ASP B 195 1.05 -7.88 -17.02
C ASP B 195 0.50 -8.55 -15.75
N ARG B 196 0.37 -7.77 -14.67
CA ARG B 196 -0.15 -8.26 -13.39
C ARG B 196 -1.68 -8.19 -13.27
N PRO B 197 -2.30 -9.30 -12.81
CA PRO B 197 -3.73 -9.54 -12.59
C PRO B 197 -4.52 -8.47 -11.86
N GLY B 198 -5.25 -7.67 -12.63
CA GLY B 198 -6.08 -6.63 -12.03
C GLY B 198 -5.38 -5.33 -11.71
N LEU B 199 -4.20 -5.15 -12.29
CA LEU B 199 -3.43 -3.93 -12.09
C LEU B 199 -4.33 -2.79 -12.58
N MET B 200 -4.12 -1.60 -12.03
CA MET B 200 -4.94 -0.46 -12.41
C MET B 200 -4.30 0.48 -13.45
N ASN B 201 -3.26 1.18 -13.04
CA ASN B 201 -2.55 2.13 -13.89
C ASN B 201 -1.57 1.42 -14.85
N VAL B 202 -1.96 0.26 -15.37
CA VAL B 202 -1.12 -0.56 -16.28
C VAL B 202 -0.03 0.17 -17.08
N PRO B 203 -0.41 1.15 -17.93
CA PRO B 203 0.55 1.90 -18.74
C PRO B 203 1.65 2.58 -17.92
N ARG B 204 1.29 3.07 -16.74
CA ARG B 204 2.25 3.71 -15.84
C ARG B 204 3.30 2.69 -15.40
N VAL B 205 2.84 1.49 -15.05
CA VAL B 205 3.73 0.42 -14.61
C VAL B 205 4.55 -0.10 -15.80
N GLU B 206 3.88 -0.40 -16.91
CA GLU B 206 4.57 -0.88 -18.10
C GLU B 206 5.71 0.08 -18.41
N ALA B 207 5.41 1.38 -18.24
CA ALA B 207 6.36 2.44 -18.49
C ALA B 207 7.52 2.41 -17.49
N ILE B 208 7.18 2.24 -16.21
CA ILE B 208 8.21 2.15 -15.16
C ILE B 208 9.06 0.91 -15.44
N GLN B 209 8.41 -0.16 -15.89
CA GLN B 209 9.11 -1.41 -16.19
C GLN B 209 10.15 -1.27 -17.28
N ASP B 210 9.82 -0.52 -18.32
CA ASP B 210 10.73 -0.32 -19.44
C ASP B 210 11.99 0.42 -19.02
N THR B 211 11.86 1.43 -18.17
CA THR B 211 13.00 2.19 -17.71
C THR B 211 13.96 1.29 -16.97
N ILE B 212 13.38 0.42 -16.12
CA ILE B 212 14.11 -0.55 -15.30
C ILE B 212 14.85 -1.56 -16.16
N LEU B 213 14.15 -2.10 -17.15
CA LEU B 213 14.73 -3.07 -18.07
C LEU B 213 15.79 -2.48 -18.98
N ARG B 214 15.59 -1.22 -19.39
CA ARG B 214 16.57 -0.52 -20.24
C ARG B 214 17.80 -0.22 -19.41
N ALA B 215 17.57 0.13 -18.15
CA ALA B 215 18.64 0.44 -17.21
C ALA B 215 19.38 -0.87 -16.95
N LEU B 216 18.61 -1.94 -16.80
CA LEU B 216 19.16 -3.26 -16.58
C LEU B 216 19.93 -3.73 -17.81
N GLU B 217 19.47 -3.30 -18.97
CA GLU B 217 20.07 -3.66 -20.23
C GLU B 217 21.42 -2.98 -20.42
N PHE B 218 21.48 -1.70 -20.05
CA PHE B 218 22.72 -0.94 -20.16
C PHE B 218 23.71 -1.49 -19.14
N HIS B 219 23.23 -1.64 -17.90
CA HIS B 219 24.05 -2.13 -16.80
C HIS B 219 24.73 -3.46 -17.05
N LEU B 220 24.01 -4.42 -17.62
CA LEU B 220 24.58 -5.73 -17.91
C LEU B 220 25.75 -5.61 -18.90
N GLN B 221 25.70 -4.58 -19.75
CA GLN B 221 26.76 -4.37 -20.72
C GLN B 221 28.08 -3.94 -20.11
N ALA B 222 28.00 -3.04 -19.14
CA ALA B 222 29.20 -2.56 -18.49
C ALA B 222 29.66 -3.63 -17.50
N ASN B 223 28.79 -3.95 -16.56
CA ASN B 223 29.07 -4.93 -15.51
C ASN B 223 29.49 -6.34 -15.99
N HIS B 224 28.97 -6.76 -17.15
CA HIS B 224 29.31 -8.06 -17.73
C HIS B 224 29.68 -7.78 -19.18
N PRO B 225 30.85 -7.18 -19.39
CA PRO B 225 31.43 -6.79 -20.69
C PRO B 225 31.41 -7.85 -21.81
N ASP B 226 32.44 -8.68 -21.84
CA ASP B 226 32.57 -9.73 -22.85
C ASP B 226 31.53 -10.86 -22.75
N ALA B 227 30.55 -10.71 -21.86
CA ALA B 227 29.49 -11.71 -21.69
C ALA B 227 28.74 -11.95 -23.01
N GLN B 228 27.74 -12.82 -23.01
CA GLN B 228 27.02 -13.14 -24.24
C GLN B 228 25.55 -12.72 -24.34
N TYR B 229 24.66 -13.70 -24.51
CA TYR B 229 23.23 -13.44 -24.60
C TYR B 229 22.65 -13.40 -23.18
N LEU B 230 23.27 -12.60 -22.30
CA LEU B 230 22.84 -12.53 -20.90
C LEU B 230 21.46 -11.91 -20.65
N PHE B 231 21.25 -10.72 -21.20
CA PHE B 231 19.98 -10.03 -21.05
C PHE B 231 18.78 -10.90 -21.49
N PRO B 232 18.77 -11.38 -22.75
CA PRO B 232 17.63 -12.22 -23.15
C PRO B 232 17.43 -13.46 -22.30
N LYS B 233 18.51 -13.91 -21.66
CA LYS B 233 18.44 -15.08 -20.81
C LYS B 233 17.70 -14.76 -19.52
N LEU B 234 17.90 -13.54 -19.03
CA LEU B 234 17.24 -13.11 -17.81
C LEU B 234 15.75 -12.86 -18.01
N LEU B 235 15.37 -12.54 -19.24
CA LEU B 235 13.96 -12.32 -19.58
C LEU B 235 13.35 -13.70 -19.60
N GLN B 236 14.17 -14.68 -19.96
CA GLN B 236 13.68 -16.04 -19.97
C GLN B 236 13.59 -16.53 -18.53
N LYS B 237 14.57 -16.17 -17.71
CA LYS B 237 14.57 -16.58 -16.32
C LYS B 237 13.37 -15.96 -15.64
N MET B 238 12.99 -14.76 -16.10
CA MET B 238 11.84 -14.06 -15.56
C MET B 238 10.59 -14.84 -15.91
N ALA B 239 10.59 -15.41 -17.11
CA ALA B 239 9.48 -16.21 -17.60
C ALA B 239 9.41 -17.54 -16.84
N ASP B 240 10.59 -18.12 -16.59
CA ASP B 240 10.73 -19.38 -15.87
C ASP B 240 10.30 -19.17 -14.43
N LEU B 241 10.51 -17.96 -13.93
CA LEU B 241 10.13 -17.61 -12.57
C LEU B 241 8.63 -17.49 -12.45
N ARG B 242 7.97 -17.14 -13.54
CA ARG B 242 6.51 -17.00 -13.57
C ARG B 242 5.87 -18.37 -13.47
N GLN B 243 6.49 -19.33 -14.16
CA GLN B 243 6.03 -20.71 -14.22
C GLN B 243 6.34 -21.49 -12.97
N LEU B 244 7.46 -21.18 -12.34
CA LEU B 244 7.87 -21.84 -11.11
C LEU B 244 6.93 -21.49 -9.97
N VAL B 245 6.54 -20.21 -9.92
CA VAL B 245 5.63 -19.73 -8.88
C VAL B 245 4.25 -20.32 -9.11
N THR B 246 3.95 -20.60 -10.38
CA THR B 246 2.68 -21.21 -10.75
C THR B 246 2.69 -22.66 -10.29
N GLU B 247 3.69 -23.43 -10.72
CA GLU B 247 3.80 -24.83 -10.31
C GLU B 247 3.82 -24.92 -8.77
N HIS B 248 4.26 -23.84 -8.13
CA HIS B 248 4.33 -23.74 -6.67
C HIS B 248 2.96 -23.48 -6.03
N ALA B 249 2.26 -22.48 -6.53
CA ALA B 249 0.94 -22.16 -6.00
C ALA B 249 0.09 -23.41 -6.03
N GLN B 250 0.24 -24.20 -7.09
CA GLN B 250 -0.50 -25.44 -7.27
C GLN B 250 -0.20 -26.44 -6.16
N MET B 251 1.07 -26.61 -5.84
CA MET B 251 1.45 -27.55 -4.78
C MET B 251 0.92 -27.04 -3.45
N MET B 252 0.82 -25.72 -3.31
CA MET B 252 0.34 -25.12 -2.08
C MET B 252 -1.15 -25.33 -1.86
N GLN B 253 -1.89 -25.40 -2.96
CA GLN B 253 -3.34 -25.60 -2.93
C GLN B 253 -3.64 -27.03 -2.47
N ARG B 254 -2.72 -27.94 -2.77
CA ARG B 254 -2.84 -29.35 -2.41
C ARG B 254 -2.43 -29.55 -0.95
N ILE B 255 -1.61 -28.64 -0.45
CA ILE B 255 -1.13 -28.70 0.92
C ILE B 255 -2.25 -28.19 1.83
N LYS B 256 -3.03 -27.23 1.33
CA LYS B 256 -4.14 -26.67 2.10
C LYS B 256 -5.38 -27.61 2.07
N LYS B 257 -5.39 -28.54 1.12
CA LYS B 257 -6.45 -29.51 0.95
C LYS B 257 -6.17 -30.82 1.68
N THR B 258 -5.01 -31.43 1.41
CA THR B 258 -4.62 -32.70 2.02
C THR B 258 -4.04 -32.57 3.44
N GLU B 259 -3.33 -31.49 3.68
CA GLU B 259 -2.74 -31.26 4.98
C GLU B 259 -3.69 -30.44 5.85
N THR B 260 -4.90 -30.98 6.02
CA THR B 260 -5.95 -30.33 6.81
C THR B 260 -5.43 -29.85 8.16
N GLU B 261 -4.39 -30.52 8.66
CA GLU B 261 -3.81 -30.18 9.95
C GLU B 261 -2.84 -29.02 10.02
N THR B 262 -1.93 -28.93 9.05
CA THR B 262 -0.94 -27.85 9.05
C THR B 262 -1.54 -26.50 8.70
N SER B 263 -1.07 -25.44 9.37
CA SER B 263 -1.59 -24.10 9.15
C SER B 263 -0.86 -23.21 8.13
N LEU B 264 -1.52 -22.14 7.71
CA LEU B 264 -0.97 -21.21 6.74
C LEU B 264 -1.05 -19.79 7.29
N HIS B 265 0.10 -19.13 7.34
CA HIS B 265 0.17 -17.76 7.86
C HIS B 265 -0.70 -16.76 7.10
N PRO B 266 -1.45 -15.90 7.83
CA PRO B 266 -2.35 -14.84 7.34
C PRO B 266 -1.92 -14.18 6.01
N LEU B 267 -0.66 -13.74 5.97
CA LEU B 267 -0.08 -13.07 4.82
C LEU B 267 0.07 -14.01 3.63
N LEU B 268 0.31 -15.29 3.91
CA LEU B 268 0.42 -16.28 2.83
C LEU B 268 -0.98 -16.66 2.37
N GLN B 269 -1.96 -16.46 3.25
CA GLN B 269 -3.34 -16.74 2.93
C GLN B 269 -3.82 -15.69 1.91
N GLU B 270 -3.85 -14.42 2.32
CA GLU B 270 -4.30 -13.33 1.45
C GLU B 270 -3.49 -13.22 0.13
N ILE B 271 -2.30 -13.81 0.08
CA ILE B 271 -1.50 -13.78 -1.16
C ILE B 271 -2.05 -14.76 -2.18
N TYR B 272 -2.53 -15.90 -1.72
CA TYR B 272 -3.05 -16.91 -2.62
C TYR B 272 -4.53 -16.80 -3.00
N LYS B 273 -5.35 -16.24 -2.11
CA LYS B 273 -6.78 -16.06 -2.38
C LYS B 273 -6.91 -15.36 -3.73
N ASP B 274 -7.50 -16.07 -4.71
CA ASP B 274 -7.71 -15.57 -6.08
C ASP B 274 -6.45 -15.03 -6.80
C5 B7G C . -7.59 -4.96 -4.19
O5 B7G C . -8.00 -3.58 -4.39
C1 B7G C . -9.34 -3.36 -3.87
C2 B7G C . -10.36 -4.24 -4.59
C3 B7G C . -9.97 -5.72 -4.36
C4 B7G C . -8.57 -5.92 -4.93
C6 B7G C . -6.17 -5.13 -4.75
O1 B7G C . -9.68 -1.99 -4.08
C7 B7G C . -8.67 -1.25 -3.37
C8 B7G C . -8.90 0.27 -3.47
C9 B7G C . -7.75 0.90 -2.69
C10 B7G C . -7.80 2.41 -2.68
C11 B7G C . -6.57 2.83 -1.91
C12 B7G C . -6.46 4.34 -1.83
O2 B7G C . -11.68 -4.00 -4.05
O3 B7G C . -10.92 -6.60 -5.03
O4 B7G C . -8.13 -7.29 -4.71
O6 B7G C . -5.28 -4.22 -4.07
C13 B7G C . -5.19 4.68 -1.06
O25 K55 D . -17.58 9.96 -3.75
O26 K55 D . -15.43 10.61 -3.77
C1 K55 D . -16.61 10.86 -3.98
C2 K55 D . -17.18 12.13 -4.56
C3 K55 D . -17.46 11.90 -6.08
C4 K55 D . -18.91 12.02 -6.54
C5 K55 D . -18.44 12.46 -3.76
C6 K55 D . -18.59 13.87 -3.26
C7 K55 D . -17.61 14.88 -3.48
C8 K55 D . -17.82 16.21 -2.99
C9 K55 D . -18.99 16.49 -2.32
C10 K55 D . -19.96 15.50 -2.11
C11 K55 D . -19.76 14.20 -2.57
O33 K55 D . -19.09 17.74 -1.92
C21 K55 D . -20.27 18.13 -1.22
C22 K55 D . -20.05 19.58 -0.90
C23 K55 D . -20.12 19.82 0.56
C24 K55 D . -18.78 20.32 1.01
C12 K55 D . -16.74 17.23 -3.22
N27 K55 D . -16.98 18.24 -4.22
C13 K55 D . -16.03 19.22 -4.53
O28 K55 D . -14.93 19.32 -4.02
C14 K55 D . -16.40 20.15 -5.55
C15 K55 D . -17.69 20.58 -5.65
C16 K55 D . -18.05 21.50 -6.66
C17 K55 D . -17.04 21.98 -7.58
C18 K55 D . -15.73 21.51 -7.45
C19 K55 D . -15.41 20.60 -6.44
C20 K55 D . -17.38 22.97 -8.66
F29 K55 D . -18.64 20.15 -4.80
F30 K55 D . -16.67 24.09 -8.55
F31 K55 D . -18.70 23.36 -8.65
F32 K55 D . -17.11 22.54 -9.88
C5 B7G E . -6.40 -6.80 -1.18
O5 B7G E . -5.35 -7.63 -0.61
C1 B7G E . -5.15 -8.84 -1.39
C2 B7G E . -6.42 -9.69 -1.41
C3 B7G E . -7.53 -8.84 -2.05
C4 B7G E . -7.72 -7.57 -1.19
C6 B7G E . -6.59 -5.54 -0.35
O1 B7G E . -4.10 -9.62 -0.82
C7 B7G E . -2.98 -8.74 -0.81
C8 B7G E . -1.72 -9.38 -0.21
C9 B7G E . -0.71 -8.26 -0.23
C10 B7G E . 0.62 -8.63 0.37
C11 B7G E . 1.42 -7.34 0.32
C12 B7G E . 2.79 -7.52 0.92
O2 B7G E . -6.20 -10.88 -2.17
O3 B7G E . -8.76 -9.59 -2.08
O4 B7G E . -8.73 -6.73 -1.77
O6 B7G E . -5.36 -4.78 -0.33
C13 B7G E . 3.52 -6.19 0.85
O25 K55 F . 5.15 -20.35 -0.31
O26 K55 F . 5.81 -18.44 0.74
C1 K55 F . 5.97 -19.64 0.53
C2 K55 F . 7.00 -20.53 1.17
C3 K55 F . 6.22 -21.29 2.28
C4 K55 F . 6.13 -22.81 2.13
C5 K55 F . 7.56 -21.47 0.10
C6 K55 F . 9.05 -21.78 0.07
C7 K55 F . 10.03 -21.25 0.97
C8 K55 F . 11.43 -21.65 0.88
C9 K55 F . 11.78 -22.58 -0.10
C10 K55 F . 10.82 -23.10 -0.99
C11 K55 F . 9.48 -22.70 -0.91
O33 K55 F . 13.07 -22.92 -0.09
C21 K55 F . 13.54 -23.86 -1.05
C22 K55 F . 15.00 -24.00 -0.74
C23 K55 F . 15.84 -23.57 -1.87
C24 K55 F . 16.82 -22.57 -1.35
C12 K55 F . 12.47 -21.09 1.85
N27 K55 F . 12.85 -21.92 2.98
C13 K55 F . 13.79 -21.53 3.94
O28 K55 F . 14.38 -20.48 3.92
C14 K55 F . 14.06 -22.46 5.02
C15 K55 F . 14.27 -23.83 4.80
C16 K55 F . 14.52 -24.69 5.90
C17 K55 F . 14.59 -24.16 7.23
C18 K55 F . 14.38 -22.78 7.42
C19 K55 F . 14.12 -21.95 6.34
C20 K55 F . 14.85 -25.04 8.42
F29 K55 F . 14.23 -24.37 3.58
F30 K55 F . 15.99 -24.71 9.02
F31 K55 F . 15.02 -26.34 8.11
F32 K55 F . 13.94 -24.99 9.38
#